data_7FRR
#
_entry.id   7FRR
#
_cell.length_a   89.527
_cell.length_b   89.527
_cell.length_c   106.242
_cell.angle_alpha   90.00
_cell.angle_beta   90.00
_cell.angle_gamma   120.00
#
_symmetry.space_group_name_H-M   'P 31 2 1'
#
loop_
_entity.id
_entity.type
_entity.pdbx_description
1 polymer 'Tyrosine-protein phosphatase non-receptor type 1'
2 non-polymer 2-AMINO-2-HYDROXYMETHYL-PROPANE-1,3-DIOL
3 non-polymer '(benzyloxy)acetic acid'
4 water water
#
_entity_poly.entity_id   1
_entity_poly.type   'polypeptide(L)'
_entity_poly.pdbx_seq_one_letter_code
;MEMEKEFEQIDKSGSWAAIYQDIRHEASDFPSRVAKLPKNKNRNRYRDVSPFDHSRIKLHQEDNDYINASLIKMEEAQRS
YILTQGPLPNTVGHFWEMVWEQKSRGVVMLNRVMEKGSLKCAQYWPQKEEKEMIFEDTNLKLTLISEDIKSYYTVRQLEL
ENLTTQETREILHFHYTTWPDFGVPESPASFLNFLFKVRESGSLSPEHGPVVVHCSAGIGRSGTFCLADTCLLLMDKRKD
PSSVDIKKVLLEMRKFRMGLIQTADQLRFSYLAVIEGAKFIMGDSSVQDQWKELSHEDLEPPPEHIPPPPRPPKRILEPH
N
;
_entity_poly.pdbx_strand_id   A
#
loop_
_chem_comp.id
_chem_comp.type
_chem_comp.name
_chem_comp.formula
O1J non-polymer '(benzyloxy)acetic acid' 'C9 H10 O3'
TRS non-polymer 2-AMINO-2-HYDROXYMETHYL-PROPANE-1,3-DIOL 'C4 H12 N O3 1'
#
# COMPACT_ATOMS: atom_id res chain seq x y z
N GLU A 2 6.75 -25.83 -1.56
CA GLU A 2 6.94 -24.71 -2.54
C GLU A 2 5.58 -24.20 -3.03
N MET A 3 5.46 -22.87 -3.11
CA MET A 3 4.23 -22.12 -3.44
C MET A 3 3.75 -22.40 -4.87
N GLU A 4 4.67 -22.59 -5.82
CA GLU A 4 4.35 -22.87 -7.23
C GLU A 4 3.51 -24.16 -7.33
N LYS A 5 3.78 -25.16 -6.47
CA LYS A 5 3.09 -26.47 -6.44
C LYS A 5 1.79 -26.33 -5.66
N GLU A 6 1.83 -25.58 -4.55
CA GLU A 6 0.62 -25.21 -3.78
C GLU A 6 -0.34 -24.46 -4.73
N PHE A 7 0.19 -23.59 -5.59
CA PHE A 7 -0.60 -22.77 -6.55
C PHE A 7 -1.35 -23.70 -7.51
N GLU A 8 -0.63 -24.66 -8.10
CA GLU A 8 -1.20 -25.61 -9.09
C GLU A 8 -2.29 -26.46 -8.41
N GLN A 9 -2.01 -26.96 -7.20
CA GLN A 9 -2.97 -27.76 -6.39
C GLN A 9 -4.26 -26.97 -6.22
N ILE A 10 -4.16 -25.76 -5.66
CA ILE A 10 -5.36 -24.93 -5.34
C ILE A 10 -6.04 -24.59 -6.67
N ASP A 11 -5.26 -24.30 -7.72
CA ASP A 11 -5.85 -23.87 -9.02
C ASP A 11 -6.61 -25.03 -9.66
N LYS A 12 -5.97 -26.20 -9.80
CA LYS A 12 -6.58 -27.43 -10.37
C LYS A 12 -7.81 -27.84 -9.56
N SER A 13 -7.75 -27.84 -8.22
CA SER A 13 -8.88 -28.21 -7.33
C SER A 13 -9.91 -27.07 -7.19
N GLY A 14 -9.68 -25.89 -7.79
CA GLY A 14 -10.46 -24.66 -7.61
C GLY A 14 -10.78 -24.32 -6.15
N SER A 15 -9.79 -24.37 -5.25
CA SER A 15 -10.01 -24.24 -3.78
C SER A 15 -9.71 -22.81 -3.24
N TRP A 16 -9.61 -21.78 -4.09
CA TRP A 16 -9.22 -20.40 -3.68
C TRP A 16 -10.21 -19.84 -2.65
N ALA A 17 -11.51 -19.94 -2.94
CA ALA A 17 -12.57 -19.47 -2.02
C ALA A 17 -12.43 -20.17 -0.67
N ALA A 18 -11.92 -21.42 -0.66
CA ALA A 18 -11.75 -22.24 0.56
C ALA A 18 -10.53 -21.79 1.38
N ILE A 19 -9.36 -21.70 0.75
CA ILE A 19 -8.11 -21.15 1.37
C ILE A 19 -8.46 -19.77 1.95
N TYR A 20 -9.16 -18.96 1.16
CA TYR A 20 -9.44 -17.56 1.56
C TYR A 20 -10.24 -17.53 2.86
N GLN A 21 -11.30 -18.36 2.93
CA GLN A 21 -12.17 -18.45 4.13
C GLN A 21 -11.39 -18.93 5.35
N ASP A 22 -10.44 -19.87 5.21
CA ASP A 22 -9.60 -20.30 6.36
C ASP A 22 -8.73 -19.14 6.86
N ILE A 23 -8.21 -18.30 5.94
CA ILE A 23 -7.44 -17.09 6.35
C ILE A 23 -8.36 -16.16 7.13
N ARG A 24 -9.57 -15.96 6.63
CA ARG A 24 -10.59 -15.10 7.30
C ARG A 24 -10.82 -15.60 8.72
N HIS A 25 -10.94 -16.92 8.89
N HIS A 25 -10.92 -16.92 8.90
CA HIS A 25 -11.24 -17.60 10.17
CA HIS A 25 -11.27 -17.55 10.21
C HIS A 25 -10.07 -17.43 11.13
C HIS A 25 -10.07 -17.50 11.16
N GLU A 26 -8.84 -17.67 10.65
CA GLU A 26 -7.61 -17.60 11.48
C GLU A 26 -7.21 -16.16 11.85
N ALA A 27 -7.71 -15.14 11.15
CA ALA A 27 -7.23 -13.74 11.24
C ALA A 27 -7.49 -13.18 12.65
N SER A 28 -6.57 -12.36 13.10
CA SER A 28 -6.57 -11.68 14.40
C SER A 28 -7.77 -10.75 14.49
N ASP A 29 -8.20 -10.49 15.72
CA ASP A 29 -9.25 -9.51 16.02
C ASP A 29 -8.78 -8.75 17.26
N PHE A 30 -8.57 -7.45 17.12
CA PHE A 30 -8.11 -6.58 18.21
C PHE A 30 -9.12 -5.46 18.32
N PRO A 31 -9.19 -4.81 19.48
CA PRO A 31 -10.06 -3.68 19.63
C PRO A 31 -9.69 -2.52 18.67
N SER A 32 -10.72 -1.85 18.18
N SER A 32 -10.70 -1.82 18.20
CA SER A 32 -10.69 -0.59 17.38
CA SER A 32 -10.61 -0.57 17.42
C SER A 32 -11.57 0.47 18.05
C SER A 32 -11.55 0.46 18.04
N ARG A 33 -11.31 0.77 19.33
CA ARG A 33 -12.18 1.65 20.16
C ARG A 33 -12.03 3.09 19.70
N VAL A 34 -10.82 3.55 19.43
CA VAL A 34 -10.65 4.97 19.02
C VAL A 34 -11.41 5.24 17.71
N ALA A 35 -11.34 4.32 16.74
CA ALA A 35 -11.98 4.47 15.41
C ALA A 35 -13.49 4.69 15.60
N LYS A 36 -14.11 4.03 16.59
CA LYS A 36 -15.59 3.96 16.75
C LYS A 36 -16.11 5.08 17.65
N LEU A 37 -15.26 5.95 18.20
CA LEU A 37 -15.72 7.14 18.93
C LEU A 37 -16.57 8.00 18.00
N PRO A 38 -17.73 8.52 18.49
CA PRO A 38 -18.63 9.33 17.68
C PRO A 38 -17.96 10.54 17.02
N LYS A 39 -17.03 11.20 17.70
CA LYS A 39 -16.31 12.35 17.13
C LYS A 39 -15.38 11.94 15.96
N ASN A 40 -15.20 10.64 15.67
CA ASN A 40 -14.29 10.19 14.58
C ASN A 40 -15.11 9.62 13.43
N LYS A 41 -16.44 9.71 13.51
CA LYS A 41 -17.32 9.06 12.51
C LYS A 41 -17.02 9.64 11.10
N ASN A 42 -16.78 10.93 11.01
CA ASN A 42 -16.58 11.58 9.67
C ASN A 42 -15.10 11.49 9.26
N ARG A 43 -14.25 10.80 10.00
CA ARG A 43 -12.82 10.60 9.65
C ARG A 43 -12.66 9.22 9.03
N ASN A 44 -13.73 8.44 8.94
CA ASN A 44 -13.70 7.07 8.39
C ASN A 44 -14.53 7.01 7.14
N ARG A 45 -13.95 6.50 6.06
CA ARG A 45 -14.59 6.42 4.73
C ARG A 45 -15.59 5.27 4.71
N TYR A 46 -15.35 4.24 5.50
CA TYR A 46 -16.21 3.03 5.59
C TYR A 46 -16.39 2.68 7.08
N ARG A 47 -17.62 2.30 7.46
CA ARG A 47 -17.94 2.01 8.88
C ARG A 47 -17.32 0.67 9.30
N ASP A 48 -17.07 -0.26 8.39
CA ASP A 48 -16.59 -1.63 8.71
C ASP A 48 -15.05 -1.75 8.47
N VAL A 49 -14.33 -0.65 8.24
CA VAL A 49 -12.85 -0.72 8.07
C VAL A 49 -12.23 0.28 9.02
N SER A 50 -11.60 -0.27 10.04
CA SER A 50 -11.10 0.46 11.21
C SER A 50 -9.69 0.00 11.49
N PRO A 51 -8.79 0.93 11.84
CA PRO A 51 -7.49 0.54 12.36
C PRO A 51 -7.67 -0.04 13.78
N PHE A 52 -6.89 -1.04 14.13
CA PHE A 52 -6.74 -1.52 15.54
C PHE A 52 -6.10 -0.44 16.36
N ASP A 53 -6.48 -0.31 17.64
CA ASP A 53 -5.84 0.71 18.51
C ASP A 53 -4.32 0.49 18.61
N HIS A 54 -3.85 -0.75 18.67
CA HIS A 54 -2.43 -1.05 19.01
C HIS A 54 -1.51 -0.58 17.87
N SER A 55 -1.98 -0.57 16.63
CA SER A 55 -1.11 -0.31 15.46
C SER A 55 -1.53 1.01 14.75
N ARG A 56 -2.45 1.78 15.32
CA ARG A 56 -3.00 2.96 14.58
C ARG A 56 -1.91 4.02 14.54
N ILE A 57 -1.86 4.80 13.46
CA ILE A 57 -1.01 6.01 13.39
C ILE A 57 -1.69 7.12 14.18
N LYS A 58 -0.94 7.78 15.02
CA LYS A 58 -1.47 8.94 15.77
C LYS A 58 -0.95 10.22 15.14
N LEU A 59 -1.84 11.16 14.88
CA LEU A 59 -1.41 12.53 14.50
C LEU A 59 -0.88 13.27 15.74
N HIS A 60 0.14 14.12 15.56
CA HIS A 60 0.70 15.00 16.63
C HIS A 60 -0.10 16.30 16.75
N GLN A 61 -1.43 16.24 16.98
CA GLN A 61 -2.30 17.42 17.23
C GLN A 61 -3.14 17.07 18.48
N GLU A 62 -3.25 18.01 19.43
CA GLU A 62 -3.79 17.77 20.81
C GLU A 62 -5.30 17.51 20.74
N ASP A 63 -6.00 18.25 19.87
CA ASP A 63 -7.47 18.19 19.68
C ASP A 63 -7.91 16.73 19.45
N ASN A 64 -7.51 16.15 18.31
CA ASN A 64 -7.96 14.80 17.86
C ASN A 64 -6.82 14.16 17.10
N ASP A 65 -6.29 13.05 17.60
CA ASP A 65 -5.05 12.45 17.04
C ASP A 65 -5.43 11.41 15.97
N TYR A 66 -6.70 11.29 15.61
CA TYR A 66 -7.16 10.11 14.88
C TYR A 66 -7.05 10.27 13.34
N ILE A 67 -6.51 9.24 12.69
CA ILE A 67 -6.58 9.04 11.23
C ILE A 67 -6.80 7.56 11.02
N ASN A 68 -7.55 7.22 9.99
CA ASN A 68 -7.68 5.83 9.59
C ASN A 68 -6.41 5.37 8.86
N ALA A 69 -5.44 4.90 9.63
CA ALA A 69 -4.14 4.48 9.12
C ALA A 69 -3.53 3.51 10.13
N SER A 70 -2.83 2.51 9.61
CA SER A 70 -2.18 1.48 10.44
C SER A 70 -0.69 1.37 10.05
N LEU A 71 0.16 1.17 11.04
CA LEU A 71 1.59 0.80 10.82
C LEU A 71 1.70 -0.72 10.77
N ILE A 72 2.15 -1.26 9.63
N ILE A 72 2.06 -1.25 9.61
CA ILE A 72 2.45 -2.70 9.45
CA ILE A 72 2.46 -2.67 9.42
C ILE A 72 3.98 -2.89 9.51
C ILE A 72 3.98 -2.72 9.63
N LYS A 73 4.44 -3.56 10.58
CA LYS A 73 5.89 -3.70 10.90
C LYS A 73 6.26 -5.15 10.64
N MET A 74 7.03 -5.44 9.60
CA MET A 74 7.43 -6.81 9.25
C MET A 74 8.91 -6.94 9.70
N GLU A 75 9.05 -7.36 10.95
CA GLU A 75 10.33 -7.48 11.72
C GLU A 75 11.39 -8.25 10.92
N GLU A 76 11.10 -9.47 10.50
CA GLU A 76 12.10 -10.25 9.77
C GLU A 76 12.52 -9.57 8.46
N ALA A 77 11.60 -8.90 7.73
CA ALA A 77 11.92 -8.34 6.40
C ALA A 77 12.54 -6.96 6.55
N GLN A 78 12.46 -6.39 7.75
N GLN A 78 12.50 -6.41 7.77
CA GLN A 78 12.96 -5.01 8.03
CA GLN A 78 12.88 -5.01 8.11
C GLN A 78 12.21 -4.01 7.13
C GLN A 78 12.21 -4.05 7.11
N ARG A 79 10.91 -4.26 6.89
CA ARG A 79 10.07 -3.36 6.07
C ARG A 79 8.92 -2.91 6.97
N SER A 80 8.60 -1.61 6.91
N SER A 80 8.55 -1.64 6.87
CA SER A 80 7.40 -1.01 7.53
CA SER A 80 7.34 -1.09 7.54
C SER A 80 6.54 -0.42 6.40
C SER A 80 6.55 -0.26 6.53
N TYR A 81 5.22 -0.38 6.59
CA TYR A 81 4.29 0.29 5.67
C TYR A 81 3.22 0.94 6.51
N ILE A 82 2.77 2.11 6.08
CA ILE A 82 1.52 2.70 6.60
C ILE A 82 0.47 2.40 5.56
N LEU A 83 -0.59 1.72 5.96
CA LEU A 83 -1.74 1.48 5.07
C LEU A 83 -2.86 2.39 5.54
N THR A 84 -3.49 3.11 4.62
CA THR A 84 -4.53 4.10 4.98
C THR A 84 -5.61 4.04 3.89
N GLN A 85 -6.73 4.63 4.21
CA GLN A 85 -7.86 4.80 3.28
C GLN A 85 -7.52 5.95 2.34
N GLY A 86 -8.21 6.00 1.21
CA GLY A 86 -8.20 7.20 0.37
C GLY A 86 -8.73 8.34 1.19
N PRO A 87 -8.03 9.48 1.26
CA PRO A 87 -8.48 10.58 2.06
C PRO A 87 -9.87 11.05 1.61
N LEU A 88 -10.58 11.57 2.60
CA LEU A 88 -11.88 12.23 2.44
C LEU A 88 -11.63 13.73 2.26
N PRO A 89 -12.62 14.48 1.75
CA PRO A 89 -12.52 15.93 1.59
C PRO A 89 -12.08 16.58 2.88
N ASN A 90 -12.53 16.05 4.00
CA ASN A 90 -12.20 16.67 5.30
C ASN A 90 -10.92 16.07 5.91
N THR A 91 -10.29 15.04 5.33
CA THR A 91 -9.06 14.49 5.97
C THR A 91 -7.82 14.69 5.10
N VAL A 92 -7.93 15.46 4.00
CA VAL A 92 -6.75 15.65 3.11
C VAL A 92 -5.64 16.30 3.91
N GLY A 93 -5.96 17.25 4.77
CA GLY A 93 -4.95 17.91 5.61
C GLY A 93 -4.30 16.96 6.59
N HIS A 94 -5.09 16.05 7.16
CA HIS A 94 -4.62 15.04 8.15
C HIS A 94 -3.67 14.09 7.43
N PHE A 95 -4.00 13.72 6.20
CA PHE A 95 -3.20 12.79 5.39
C PHE A 95 -1.78 13.35 5.25
N TRP A 96 -1.66 14.62 4.86
CA TRP A 96 -0.35 15.21 4.55
C TRP A 96 0.37 15.47 5.87
N GLU A 97 -0.37 15.77 6.91
CA GLU A 97 0.23 15.90 8.26
C GLU A 97 0.90 14.57 8.63
N MET A 98 0.19 13.45 8.42
CA MET A 98 0.74 12.11 8.71
C MET A 98 2.02 11.91 7.88
N VAL A 99 1.97 12.19 6.58
CA VAL A 99 3.18 12.01 5.71
C VAL A 99 4.35 12.81 6.31
N TRP A 100 4.09 14.03 6.73
CA TRP A 100 5.11 14.93 7.28
C TRP A 100 5.66 14.33 8.58
N GLU A 101 4.76 14.00 9.53
CA GLU A 101 5.15 13.54 10.89
C GLU A 101 5.88 12.20 10.84
N GLN A 102 5.55 11.30 9.92
CA GLN A 102 6.18 9.96 9.82
C GLN A 102 7.43 9.95 8.93
N LYS A 103 7.78 11.05 8.25
CA LYS A 103 9.01 11.20 7.42
C LYS A 103 9.00 10.28 6.22
N SER A 104 7.81 9.98 5.73
CA SER A 104 7.62 9.15 4.54
C SER A 104 8.25 9.89 3.35
N ARG A 105 8.85 9.11 2.46
N ARG A 105 8.78 9.12 2.41
CA ARG A 105 9.41 9.60 1.17
CA ARG A 105 9.42 9.62 1.16
C ARG A 105 8.34 9.47 0.08
C ARG A 105 8.51 9.33 -0.04
N GLY A 106 7.63 8.33 0.07
CA GLY A 106 6.75 7.91 -1.03
C GLY A 106 5.32 7.73 -0.57
N VAL A 107 4.41 8.00 -1.48
CA VAL A 107 2.95 7.68 -1.38
C VAL A 107 2.64 6.78 -2.57
N VAL A 108 2.09 5.60 -2.31
CA VAL A 108 1.67 4.63 -3.33
C VAL A 108 0.14 4.62 -3.38
N MET A 109 -0.44 4.97 -4.51
CA MET A 109 -1.90 5.06 -4.72
C MET A 109 -2.29 4.01 -5.73
N LEU A 110 -3.20 3.10 -5.36
CA LEU A 110 -3.53 1.96 -6.22
C LEU A 110 -4.96 2.06 -6.80
N ASN A 111 -5.58 3.21 -6.72
CA ASN A 111 -6.98 3.39 -7.21
C ASN A 111 -7.00 4.65 -8.07
N ARG A 112 -8.10 4.85 -8.80
CA ARG A 112 -8.42 6.12 -9.51
C ARG A 112 -9.35 6.86 -8.58
N VAL A 113 -9.41 8.17 -8.73
CA VAL A 113 -10.31 9.05 -7.95
C VAL A 113 -11.77 8.64 -8.18
N MET A 114 -12.08 8.24 -9.40
CA MET A 114 -13.46 7.79 -9.71
C MET A 114 -13.36 6.40 -10.27
N GLU A 115 -14.10 5.47 -9.67
CA GLU A 115 -14.21 4.05 -10.08
C GLU A 115 -15.69 3.66 -10.06
N LYS A 116 -16.17 2.92 -11.07
CA LYS A 116 -17.58 2.47 -11.09
C LYS A 116 -18.51 3.67 -10.89
N GLY A 117 -18.17 4.83 -11.44
CA GLY A 117 -19.01 6.03 -11.42
C GLY A 117 -19.18 6.65 -10.06
N SER A 118 -18.38 6.29 -9.05
CA SER A 118 -18.41 6.89 -7.70
C SER A 118 -17.01 7.40 -7.28
N LEU A 119 -16.94 8.31 -6.33
CA LEU A 119 -15.65 8.85 -5.88
C LEU A 119 -15.08 7.90 -4.82
N LYS A 120 -13.86 7.46 -5.04
CA LYS A 120 -13.16 6.50 -4.16
C LYS A 120 -12.17 7.22 -3.24
N CYS A 121 -11.88 8.47 -3.54
CA CYS A 121 -10.77 9.25 -2.96
C CYS A 121 -10.97 10.73 -3.29
N ALA A 122 -10.63 11.64 -2.41
CA ALA A 122 -10.49 13.07 -2.72
C ALA A 122 -9.23 13.26 -3.60
N GLN A 123 -9.28 14.27 -4.44
CA GLN A 123 -8.16 14.77 -5.25
C GLN A 123 -7.23 15.48 -4.26
N TYR A 124 -6.20 14.82 -3.73
CA TYR A 124 -5.45 15.34 -2.56
C TYR A 124 -4.09 15.89 -2.99
N TRP A 125 -3.81 15.92 -4.29
CA TRP A 125 -2.54 16.51 -4.81
C TRP A 125 -2.86 17.50 -5.94
N PRO A 126 -1.97 18.45 -6.25
CA PRO A 126 -2.24 19.46 -7.27
C PRO A 126 -2.11 18.87 -8.68
N GLN A 127 -2.93 19.40 -9.57
CA GLN A 127 -3.04 18.91 -10.97
C GLN A 127 -2.12 19.75 -11.86
N LYS A 128 -1.71 20.93 -11.40
CA LYS A 128 -0.85 21.82 -12.22
C LYS A 128 0.21 22.46 -11.36
N GLU A 129 1.42 22.60 -11.90
CA GLU A 129 2.58 23.26 -11.25
C GLU A 129 2.14 24.58 -10.62
N GLU A 130 1.41 25.42 -11.37
CA GLU A 130 1.21 26.83 -10.91
C GLU A 130 0.03 26.93 -9.93
N LYS A 131 -0.62 25.81 -9.60
CA LYS A 131 -1.82 25.83 -8.71
C LYS A 131 -1.55 24.94 -7.50
N GLU A 132 -0.80 25.45 -6.54
CA GLU A 132 -0.40 24.69 -5.34
C GLU A 132 -1.60 24.56 -4.38
N MET A 133 -1.53 23.66 -3.40
CA MET A 133 -2.64 23.42 -2.43
C MET A 133 -2.14 23.83 -1.08
N ILE A 134 -2.96 24.58 -0.36
CA ILE A 134 -2.67 25.00 1.03
C ILE A 134 -3.69 24.28 1.92
N PHE A 135 -3.24 23.59 2.94
CA PHE A 135 -4.13 22.89 3.90
C PHE A 135 -4.08 23.77 5.15
N GLU A 136 -5.10 24.60 5.32
CA GLU A 136 -5.16 25.63 6.40
C GLU A 136 -5.13 24.92 7.76
N ASP A 137 -5.92 23.85 7.89
CA ASP A 137 -6.09 23.13 9.18
C ASP A 137 -4.72 22.61 9.64
N THR A 138 -3.82 22.14 8.75
CA THR A 138 -2.56 21.52 9.23
C THR A 138 -1.33 22.35 8.83
N ASN A 139 -1.53 23.51 8.20
CA ASN A 139 -0.43 24.48 7.98
C ASN A 139 0.64 23.88 7.05
N LEU A 140 0.19 23.26 5.97
CA LEU A 140 1.08 22.62 4.98
C LEU A 140 0.74 23.16 3.59
N LYS A 141 1.76 23.27 2.75
CA LYS A 141 1.61 23.64 1.34
C LYS A 141 2.22 22.53 0.51
N LEU A 142 1.54 22.21 -0.57
CA LEU A 142 1.94 21.11 -1.46
C LEU A 142 1.99 21.64 -2.89
N THR A 143 3.10 21.45 -3.57
CA THR A 143 3.32 21.90 -4.97
C THR A 143 3.66 20.71 -5.86
N LEU A 144 3.04 20.62 -7.01
CA LEU A 144 3.45 19.68 -8.04
C LEU A 144 4.74 20.22 -8.74
N ILE A 145 5.80 19.43 -8.73
CA ILE A 145 7.13 19.80 -9.28
C ILE A 145 7.20 19.21 -10.68
N SER A 146 6.82 17.96 -10.84
CA SER A 146 6.87 17.29 -12.15
C SER A 146 6.00 16.06 -12.11
N GLU A 147 5.68 15.57 -13.28
CA GLU A 147 4.72 14.48 -13.50
C GLU A 147 5.26 13.70 -14.69
N ASP A 148 5.44 12.40 -14.55
CA ASP A 148 5.89 11.50 -15.63
C ASP A 148 4.77 10.47 -15.83
N ILE A 149 4.11 10.51 -16.98
CA ILE A 149 2.99 9.60 -17.34
C ILE A 149 3.52 8.41 -18.14
N LYS A 150 3.20 7.18 -17.67
CA LYS A 150 3.30 5.90 -18.42
C LYS A 150 1.86 5.49 -18.75
N SER A 151 1.66 4.38 -19.46
CA SER A 151 0.32 3.92 -19.92
C SER A 151 -0.62 3.71 -18.73
N TYR A 152 -0.18 2.96 -17.71
CA TYR A 152 -1.05 2.41 -16.63
C TYR A 152 -0.65 2.95 -15.25
N TYR A 153 0.39 3.78 -15.16
CA TYR A 153 0.78 4.46 -13.89
C TYR A 153 1.51 5.77 -14.19
N THR A 154 1.54 6.63 -13.16
CA THR A 154 2.14 7.98 -13.18
C THR A 154 3.07 8.10 -11.97
N VAL A 155 4.13 8.90 -12.11
CA VAL A 155 5.09 9.20 -11.01
C VAL A 155 5.18 10.72 -10.92
N ARG A 156 4.83 11.28 -9.75
CA ARG A 156 4.82 12.72 -9.55
C ARG A 156 5.84 13.05 -8.47
N GLN A 157 6.64 14.08 -8.71
N GLN A 157 6.53 14.17 -8.67
CA GLN A 157 7.47 14.75 -7.68
CA GLN A 157 7.46 14.77 -7.70
C GLN A 157 6.63 15.86 -7.06
C GLN A 157 6.73 15.95 -7.06
N LEU A 158 6.54 15.89 -5.74
CA LEU A 158 5.77 16.89 -5.00
C LEU A 158 6.73 17.53 -4.04
N GLU A 159 6.46 18.79 -3.70
CA GLU A 159 7.20 19.45 -2.64
C GLU A 159 6.21 19.73 -1.54
N LEU A 160 6.54 19.25 -0.36
CA LEU A 160 5.66 19.47 0.81
C LEU A 160 6.39 20.48 1.68
N GLU A 161 5.72 21.56 2.04
CA GLU A 161 6.34 22.59 2.90
C GLU A 161 5.52 22.73 4.17
N ASN A 162 6.23 22.67 5.29
CA ASN A 162 5.69 22.98 6.63
C ASN A 162 5.70 24.50 6.77
N LEU A 163 4.53 25.13 6.72
CA LEU A 163 4.42 26.62 6.67
C LEU A 163 4.83 27.18 8.03
N THR A 164 4.76 26.35 9.07
CA THR A 164 5.06 26.70 10.49
C THR A 164 6.57 26.93 10.64
N THR A 165 7.39 26.16 9.92
CA THR A 165 8.87 26.06 10.13
C THR A 165 9.63 26.31 8.83
N GLN A 166 8.92 26.42 7.71
CA GLN A 166 9.51 26.65 6.37
C GLN A 166 10.41 25.50 5.92
N GLU A 167 10.45 24.34 6.60
CA GLU A 167 11.14 23.15 6.02
C GLU A 167 10.34 22.61 4.82
N THR A 168 11.04 22.07 3.83
CA THR A 168 10.43 21.45 2.64
C THR A 168 11.01 20.06 2.46
N ARG A 169 10.18 19.16 1.92
CA ARG A 169 10.61 17.80 1.60
C ARG A 169 10.09 17.45 0.21
N GLU A 170 10.84 16.64 -0.46
CA GLU A 170 10.42 16.06 -1.72
C GLU A 170 9.69 14.74 -1.41
N ILE A 171 8.46 14.60 -1.88
CA ILE A 171 7.63 13.39 -1.77
C ILE A 171 7.45 12.84 -3.17
N LEU A 172 7.60 11.55 -3.36
CA LEU A 172 7.29 10.87 -4.63
C LEU A 172 5.90 10.22 -4.53
N HIS A 173 5.05 10.50 -5.49
CA HIS A 173 3.69 9.93 -5.63
C HIS A 173 3.72 8.92 -6.75
N PHE A 174 3.51 7.65 -6.43
CA PHE A 174 3.45 6.53 -7.37
C PHE A 174 1.99 6.17 -7.51
N HIS A 175 1.44 6.36 -8.70
CA HIS A 175 0.00 6.20 -8.94
C HIS A 175 -0.17 5.11 -9.94
N TYR A 176 -0.58 3.94 -9.49
CA TYR A 176 -0.92 2.82 -10.40
C TYR A 176 -2.32 3.08 -10.94
N THR A 177 -2.45 3.24 -12.24
CA THR A 177 -3.69 3.84 -12.82
C THR A 177 -4.59 2.83 -13.54
N THR A 178 -4.40 1.51 -13.47
CA THR A 178 -5.36 0.57 -14.13
C THR A 178 -5.73 -0.65 -13.26
N TRP A 179 -5.79 -0.51 -11.93
CA TRP A 179 -6.18 -1.58 -10.98
C TRP A 179 -7.62 -1.39 -10.50
N PRO A 180 -8.57 -2.25 -10.94
CA PRO A 180 -9.96 -2.19 -10.46
C PRO A 180 -10.16 -2.49 -8.97
N ASP A 181 -11.17 -1.86 -8.34
CA ASP A 181 -11.61 -2.13 -6.94
C ASP A 181 -12.21 -3.54 -6.88
N PHE A 182 -11.80 -4.33 -5.87
CA PHE A 182 -12.19 -5.75 -5.66
C PHE A 182 -11.72 -6.59 -6.86
N GLY A 183 -10.67 -6.15 -7.56
CA GLY A 183 -10.14 -6.82 -8.76
C GLY A 183 -8.63 -7.00 -8.71
N VAL A 184 -8.03 -7.38 -9.85
CA VAL A 184 -6.58 -7.76 -9.96
C VAL A 184 -5.97 -7.13 -11.21
N PRO A 185 -4.67 -6.76 -11.17
CA PRO A 185 -4.00 -6.15 -12.32
C PRO A 185 -4.09 -6.99 -13.61
N GLU A 186 -3.76 -6.37 -14.75
CA GLU A 186 -3.85 -6.96 -16.12
C GLU A 186 -3.20 -8.35 -16.11
N SER A 187 -1.87 -8.38 -15.92
CA SER A 187 -1.02 -9.58 -15.72
C SER A 187 -0.09 -9.22 -14.57
N PRO A 188 0.53 -10.10 -13.75
CA PRO A 188 1.31 -9.45 -12.70
C PRO A 188 2.45 -8.61 -13.28
N ALA A 189 2.73 -8.70 -14.58
CA ALA A 189 3.90 -8.04 -15.17
C ALA A 189 3.83 -6.55 -14.84
N SER A 190 2.74 -5.85 -15.10
CA SER A 190 2.80 -4.38 -14.98
C SER A 190 2.85 -4.03 -13.48
N PHE A 191 2.18 -4.87 -12.67
CA PHE A 191 2.17 -4.82 -11.19
C PHE A 191 3.62 -4.81 -10.69
N LEU A 192 4.37 -5.85 -11.05
CA LEU A 192 5.79 -6.05 -10.63
C LEU A 192 6.67 -4.90 -11.09
N ASN A 193 6.50 -4.51 -12.35
CA ASN A 193 7.21 -3.37 -12.98
C ASN A 193 7.05 -2.14 -12.09
N PHE A 194 5.82 -1.86 -11.64
CA PHE A 194 5.48 -0.75 -10.73
C PHE A 194 6.15 -0.93 -9.36
N LEU A 195 5.99 -2.11 -8.79
CA LEU A 195 6.63 -2.41 -7.47
C LEU A 195 8.15 -2.17 -7.51
N PHE A 196 8.84 -2.61 -8.56
CA PHE A 196 10.31 -2.44 -8.69
C PHE A 196 10.65 -0.97 -8.92
N LYS A 197 9.75 -0.20 -9.52
CA LYS A 197 9.92 1.26 -9.65
C LYS A 197 9.85 1.89 -8.27
N VAL A 198 8.92 1.47 -7.42
CA VAL A 198 8.83 2.07 -6.07
C VAL A 198 10.14 1.74 -5.33
N ARG A 199 10.54 0.50 -5.38
CA ARG A 199 11.78 0.04 -4.68
C ARG A 199 12.98 0.87 -5.13
N GLU A 200 13.12 0.99 -6.45
CA GLU A 200 14.28 1.72 -7.05
C GLU A 200 14.35 3.16 -6.57
N SER A 201 13.24 3.77 -6.18
CA SER A 201 13.18 5.19 -5.78
C SER A 201 13.83 5.43 -4.41
N GLY A 202 13.99 4.39 -3.60
CA GLY A 202 14.45 4.52 -2.20
C GLY A 202 13.32 4.67 -1.20
N SER A 203 12.08 4.75 -1.66
CA SER A 203 10.90 5.06 -0.81
C SER A 203 10.67 3.96 0.25
N LEU A 204 11.13 2.73 -0.02
CA LEU A 204 10.89 1.57 0.88
C LEU A 204 12.11 1.30 1.75
N SER A 205 13.06 2.22 1.75
CA SER A 205 14.36 1.97 2.39
C SER A 205 14.31 2.44 3.83
N PRO A 206 15.08 1.79 4.75
CA PRO A 206 14.99 2.12 6.16
C PRO A 206 15.50 3.50 6.56
N GLU A 207 16.18 4.19 5.66
N GLU A 207 16.17 4.21 5.65
CA GLU A 207 16.66 5.59 5.87
CA GLU A 207 16.68 5.60 5.86
C GLU A 207 15.44 6.50 6.05
C GLU A 207 15.54 6.62 5.69
N HIS A 208 14.32 6.16 5.42
CA HIS A 208 13.11 7.03 5.39
C HIS A 208 12.07 6.44 6.33
N GLY A 209 11.08 7.24 6.72
CA GLY A 209 9.86 6.76 7.37
C GLY A 209 9.14 5.80 6.44
N PRO A 210 8.13 5.11 6.98
CA PRO A 210 7.39 4.12 6.20
C PRO A 210 6.70 4.78 5.00
N VAL A 211 6.73 4.07 3.90
CA VAL A 211 5.89 4.39 2.72
C VAL A 211 4.41 4.43 3.13
N VAL A 212 3.65 5.39 2.60
CA VAL A 212 2.18 5.39 2.71
C VAL A 212 1.58 4.69 1.52
N VAL A 213 0.76 3.68 1.80
CA VAL A 213 0.08 2.90 0.74
C VAL A 213 -1.43 3.07 0.93
N HIS A 214 -2.15 3.35 -0.15
CA HIS A 214 -3.63 3.41 -0.08
C HIS A 214 -4.29 2.97 -1.38
N CYS A 215 -5.52 2.52 -1.21
CA CYS A 215 -6.52 2.33 -2.30
C CYS A 215 -7.74 3.10 -1.76
N SER A 216 -8.95 2.55 -1.91
CA SER A 216 -10.16 3.21 -1.37
C SER A 216 -10.22 2.97 0.16
N ALA A 217 -10.19 1.72 0.60
CA ALA A 217 -10.32 1.33 2.02
C ALA A 217 -8.94 1.06 2.65
N GLY A 218 -7.89 0.94 1.82
CA GLY A 218 -6.54 0.61 2.34
C GLY A 218 -6.43 -0.83 2.85
N ILE A 219 -7.12 -1.82 2.26
CA ILE A 219 -6.99 -3.23 2.74
C ILE A 219 -6.84 -4.19 1.57
N GLY A 220 -7.44 -3.93 0.40
CA GLY A 220 -7.49 -4.91 -0.70
C GLY A 220 -6.28 -4.82 -1.58
N ARG A 221 -6.32 -3.86 -2.50
CA ARG A 221 -5.22 -3.57 -3.46
C ARG A 221 -3.94 -3.20 -2.69
N SER A 222 -4.10 -2.49 -1.57
CA SER A 222 -2.99 -2.05 -0.68
C SER A 222 -2.33 -3.29 -0.04
N GLY A 223 -3.16 -4.21 0.42
CA GLY A 223 -2.71 -5.50 0.97
C GLY A 223 -1.86 -6.30 -0.01
N THR A 224 -2.28 -6.33 -1.27
CA THR A 224 -1.64 -7.09 -2.37
C THR A 224 -0.25 -6.52 -2.65
N PHE A 225 -0.09 -5.20 -2.53
CA PHE A 225 1.16 -4.48 -2.74
C PHE A 225 2.16 -4.90 -1.66
N CYS A 226 1.81 -4.78 -0.38
N CYS A 226 1.78 -4.76 -0.40
CA CYS A 226 2.81 -4.99 0.70
CA CYS A 226 2.68 -5.00 0.76
C CYS A 226 3.00 -6.49 0.97
C CYS A 226 3.02 -6.50 0.83
N LEU A 227 2.04 -7.36 0.62
CA LEU A 227 2.23 -8.82 0.72
C LEU A 227 3.27 -9.29 -0.32
N ALA A 228 3.18 -8.84 -1.56
CA ALA A 228 4.14 -9.21 -2.62
C ALA A 228 5.51 -8.64 -2.26
N ASP A 229 5.61 -7.39 -1.88
CA ASP A 229 6.93 -6.80 -1.55
C ASP A 229 7.61 -7.61 -0.42
N THR A 230 6.90 -7.84 0.69
CA THR A 230 7.46 -8.51 1.88
C THR A 230 7.85 -9.95 1.50
N CYS A 231 7.00 -10.69 0.81
CA CYS A 231 7.33 -12.08 0.38
C CYS A 231 8.59 -12.12 -0.49
N LEU A 232 8.73 -11.22 -1.45
CA LEU A 232 9.91 -11.20 -2.34
C LEU A 232 11.19 -10.89 -1.54
N LEU A 233 11.10 -9.97 -0.57
N LEU A 233 11.09 -9.96 -0.59
CA LEU A 233 12.26 -9.58 0.27
CA LEU A 233 12.22 -9.57 0.30
C LEU A 233 12.69 -10.77 1.14
C LEU A 233 12.68 -10.77 1.13
N LEU A 234 11.73 -11.49 1.73
CA LEU A 234 12.02 -12.65 2.60
C LEU A 234 12.72 -13.74 1.77
N MET A 235 12.17 -13.99 0.59
CA MET A 235 12.75 -14.85 -0.47
C MET A 235 14.19 -14.43 -0.72
N ASP A 236 14.40 -13.12 -0.89
CA ASP A 236 15.71 -12.49 -1.18
C ASP A 236 16.65 -12.83 -0.01
N LYS A 237 16.22 -12.51 1.21
CA LYS A 237 17.02 -12.63 2.46
C LYS A 237 17.40 -14.10 2.68
N ARG A 238 16.58 -15.04 2.22
CA ARG A 238 16.73 -16.50 2.46
C ARG A 238 17.30 -17.22 1.22
N LYS A 239 17.19 -16.60 0.04
CA LYS A 239 17.49 -17.22 -1.29
C LYS A 239 16.92 -18.64 -1.32
N ASP A 240 15.64 -18.79 -0.93
CA ASP A 240 14.93 -20.09 -0.80
C ASP A 240 13.43 -19.85 -0.99
N PRO A 241 12.88 -20.01 -2.22
CA PRO A 241 11.45 -19.78 -2.47
C PRO A 241 10.52 -20.67 -1.63
N SER A 242 11.01 -21.85 -1.23
CA SER A 242 10.26 -22.89 -0.48
C SER A 242 10.01 -22.41 0.95
N SER A 243 10.87 -21.53 1.48
CA SER A 243 10.88 -21.12 2.90
C SER A 243 9.80 -20.06 3.17
N VAL A 244 9.19 -19.51 2.11
CA VAL A 244 8.19 -18.41 2.20
C VAL A 244 6.78 -19.02 2.18
N ASP A 245 6.03 -18.89 3.27
CA ASP A 245 4.60 -19.29 3.24
C ASP A 245 3.79 -17.99 3.16
N ILE A 246 3.20 -17.73 2.00
N ILE A 246 3.21 -17.72 1.98
CA ILE A 246 2.44 -16.47 1.72
CA ILE A 246 2.41 -16.49 1.71
C ILE A 246 1.23 -16.36 2.68
C ILE A 246 1.30 -16.37 2.77
N LYS A 247 0.63 -17.49 3.06
CA LYS A 247 -0.56 -17.53 3.97
C LYS A 247 -0.12 -17.09 5.35
N LYS A 248 1.06 -17.53 5.81
CA LYS A 248 1.58 -17.12 7.13
C LYS A 248 1.94 -15.63 7.10
N VAL A 249 2.59 -15.16 6.04
CA VAL A 249 2.97 -13.72 5.98
C VAL A 249 1.68 -12.89 6.05
N LEU A 250 0.66 -13.30 5.31
CA LEU A 250 -0.62 -12.53 5.27
C LEU A 250 -1.22 -12.49 6.67
N LEU A 251 -1.19 -13.61 7.38
CA LEU A 251 -1.78 -13.64 8.75
C LEU A 251 -0.99 -12.76 9.69
N GLU A 252 0.33 -12.70 9.52
N GLU A 252 0.34 -12.69 9.53
CA GLU A 252 1.21 -11.81 10.33
CA GLU A 252 1.17 -11.76 10.33
C GLU A 252 0.85 -10.35 10.04
C GLU A 252 0.70 -10.32 10.04
N MET A 253 0.57 -10.02 8.78
N MET A 253 0.63 -9.93 8.76
CA MET A 253 0.24 -8.63 8.37
CA MET A 253 0.23 -8.55 8.39
C MET A 253 -1.14 -8.28 8.93
C MET A 253 -1.16 -8.25 8.96
N ARG A 254 -2.06 -9.25 8.93
CA ARG A 254 -3.44 -9.04 9.46
C ARG A 254 -3.43 -8.82 10.98
N LYS A 255 -2.31 -9.00 11.67
CA LYS A 255 -2.28 -8.61 13.10
C LYS A 255 -2.29 -7.10 13.20
N PHE A 256 -1.88 -6.40 12.12
CA PHE A 256 -1.68 -4.94 12.16
C PHE A 256 -2.82 -4.14 11.53
N ARG A 257 -3.51 -4.74 10.59
CA ARG A 257 -4.69 -4.09 9.98
C ARG A 257 -5.61 -5.18 9.46
N MET A 258 -6.91 -5.03 9.76
CA MET A 258 -7.92 -6.04 9.42
C MET A 258 -8.08 -6.11 7.89
N GLY A 259 -8.50 -7.26 7.39
CA GLY A 259 -9.13 -7.41 6.08
C GLY A 259 -8.15 -7.33 4.94
N LEU A 260 -6.85 -7.32 5.18
CA LEU A 260 -5.87 -7.23 4.07
C LEU A 260 -6.10 -8.38 3.10
N ILE A 261 -6.25 -8.06 1.81
CA ILE A 261 -6.64 -9.00 0.72
C ILE A 261 -8.14 -9.25 0.91
N GLN A 262 -8.95 -8.71 -0.01
CA GLN A 262 -10.42 -8.56 0.16
C GLN A 262 -11.19 -9.62 -0.63
N THR A 263 -10.54 -10.36 -1.52
CA THR A 263 -11.19 -11.41 -2.32
C THR A 263 -10.21 -12.54 -2.57
N ALA A 264 -10.76 -13.68 -2.96
CA ALA A 264 -10.00 -14.91 -3.27
C ALA A 264 -9.18 -14.68 -4.54
N ASP A 265 -9.62 -13.79 -5.43
CA ASP A 265 -8.86 -13.49 -6.67
C ASP A 265 -7.68 -12.57 -6.33
N GLN A 266 -7.80 -11.69 -5.33
CA GLN A 266 -6.62 -10.90 -4.88
C GLN A 266 -5.60 -11.86 -4.25
N LEU A 267 -6.05 -12.89 -3.52
CA LEU A 267 -5.13 -13.89 -2.93
C LEU A 267 -4.43 -14.64 -4.08
N ARG A 268 -5.18 -15.15 -5.04
CA ARG A 268 -4.61 -15.83 -6.22
C ARG A 268 -3.60 -14.94 -6.94
N PHE A 269 -3.96 -13.68 -7.20
CA PHE A 269 -3.03 -12.71 -7.86
C PHE A 269 -1.75 -12.58 -7.02
N SER A 270 -1.89 -12.45 -5.70
CA SER A 270 -0.71 -12.29 -4.81
C SER A 270 0.27 -13.44 -5.03
N TYR A 271 -0.23 -14.66 -5.08
CA TYR A 271 0.62 -15.86 -5.35
C TYR A 271 1.33 -15.69 -6.69
N LEU A 272 0.56 -15.35 -7.73
N LEU A 272 0.57 -15.32 -7.72
CA LEU A 272 1.06 -15.20 -9.12
CA LEU A 272 1.05 -15.21 -9.11
C LEU A 272 2.14 -14.12 -9.17
C LEU A 272 2.13 -14.12 -9.20
N ALA A 273 1.94 -13.00 -8.47
CA ALA A 273 2.90 -11.89 -8.45
C ALA A 273 4.20 -12.36 -7.79
N VAL A 274 4.08 -13.11 -6.69
CA VAL A 274 5.28 -13.56 -5.93
C VAL A 274 6.01 -14.61 -6.76
N ILE A 275 5.29 -15.57 -7.32
CA ILE A 275 5.87 -16.65 -8.16
C ILE A 275 6.66 -16.04 -9.33
N GLU A 276 6.05 -15.10 -10.06
CA GLU A 276 6.72 -14.47 -11.23
C GLU A 276 7.93 -13.69 -10.74
N GLY A 277 7.77 -12.92 -9.66
CA GLY A 277 8.83 -12.08 -9.06
C GLY A 277 10.03 -12.90 -8.62
N ALA A 278 9.81 -14.17 -8.23
CA ALA A 278 10.86 -15.10 -7.73
C ALA A 278 11.94 -15.32 -8.79
N LYS A 279 11.56 -15.36 -10.07
CA LYS A 279 12.52 -15.46 -11.20
C LYS A 279 13.66 -14.46 -10.96
N PHE A 280 13.32 -13.17 -10.74
CA PHE A 280 14.29 -12.06 -10.56
C PHE A 280 15.14 -12.31 -9.31
N ILE A 281 14.50 -12.62 -8.18
CA ILE A 281 15.16 -12.78 -6.84
C ILE A 281 16.19 -13.91 -6.89
N MET A 282 15.96 -14.91 -7.74
CA MET A 282 16.89 -16.04 -7.87
C MET A 282 17.95 -15.81 -8.97
N GLY A 283 18.17 -14.58 -9.47
CA GLY A 283 19.31 -14.35 -10.39
C GLY A 283 19.06 -14.14 -11.87
N ASP A 284 17.83 -14.21 -12.38
CA ASP A 284 17.49 -13.90 -13.79
C ASP A 284 17.13 -12.41 -13.86
N SER A 285 18.14 -11.54 -13.82
CA SER A 285 17.98 -10.06 -13.80
C SER A 285 17.25 -9.59 -15.06
N SER A 286 17.34 -10.36 -16.16
CA SER A 286 16.83 -9.99 -17.50
C SER A 286 15.30 -9.96 -17.50
N VAL A 287 14.68 -10.72 -16.59
CA VAL A 287 13.20 -10.87 -16.48
C VAL A 287 12.57 -9.48 -16.25
N GLN A 288 13.34 -8.52 -15.72
CA GLN A 288 12.86 -7.15 -15.38
C GLN A 288 12.63 -6.35 -16.67
N ASP A 289 13.48 -6.56 -17.68
CA ASP A 289 13.37 -5.90 -19.01
C ASP A 289 12.09 -6.40 -19.68
N GLN A 290 11.86 -7.72 -19.60
CA GLN A 290 10.66 -8.40 -20.15
C GLN A 290 9.40 -7.77 -19.54
N TRP A 291 9.36 -7.59 -18.21
CA TRP A 291 8.16 -7.03 -17.51
C TRP A 291 7.81 -5.66 -18.11
N LYS A 292 8.81 -4.78 -18.28
CA LYS A 292 8.61 -3.44 -18.88
C LYS A 292 7.95 -3.62 -20.26
N GLU A 293 8.43 -4.58 -21.06
CA GLU A 293 7.95 -4.83 -22.44
C GLU A 293 6.47 -5.22 -22.36
N LEU A 294 6.16 -6.31 -21.64
CA LEU A 294 4.80 -6.91 -21.56
C LEU A 294 3.84 -5.93 -20.85
N SER A 295 4.37 -5.05 -20.00
CA SER A 295 3.57 -4.00 -19.28
C SER A 295 3.03 -2.99 -20.30
N HIS A 296 3.77 -2.78 -21.41
CA HIS A 296 3.47 -1.76 -22.46
C HIS A 296 3.32 -0.38 -21.80
N GLU A 297 4.29 0.02 -20.99
CA GLU A 297 4.28 1.30 -20.21
C GLU A 297 4.59 2.47 -21.15
N ASP A 298 4.98 2.18 -22.39
CA ASP A 298 5.27 3.19 -23.45
C ASP A 298 3.94 3.68 -24.07
C TRS B . 2.00 -3.02 19.69
C1 TRS B . 3.40 -2.48 20.02
C2 TRS B . 1.88 -3.38 18.20
C3 TRS B . 0.90 -2.06 20.15
N TRS B . 1.81 -4.31 20.46
O1 TRS B . 4.41 -3.38 19.62
O2 TRS B . 1.60 -2.29 17.32
O3 TRS B . 1.32 -0.76 20.49
H11 TRS B . 3.46 -2.32 20.99
H12 TRS B . 3.52 -1.62 19.56
H21 TRS B . 1.16 -4.05 18.10
H22 TRS B . 2.70 -3.79 17.91
H31 TRS B . 0.44 -2.45 20.92
H32 TRS B . 0.24 -1.99 19.42
HN1 TRS B . 1.13 -4.24 21.06
HN2 TRS B . 2.56 -4.51 20.93
HN3 TRS B . 1.63 -5.00 19.90
HO1 TRS B . 5.16 -3.01 19.83
HO2 TRS B . 1.56 -2.63 16.52
HO3 TRS B . 1.94 -0.49 19.93
C4 O1J C . -14.31 -0.75 0.94
C5 O1J C . -14.95 -0.95 2.26
C6 O1J C . -14.98 -2.25 2.84
C7 O1J C . -14.38 -3.32 2.18
C8 O1J C . -13.72 -3.12 0.86
C O1J C . -9.68 -2.51 -2.33
O O1J C . -10.08 -3.28 -3.37
C1 O1J C . -10.64 -1.95 -1.21
C2 O1J C . -13.02 -1.57 -1.09
C3 O1J C . -13.69 -1.82 0.26
O1 O1J C . -8.48 -2.21 -2.24
O2 O1J C . -11.94 -2.48 -1.27
H1 O1J C . -14.29 0.24 0.50
H2 O1J C . -15.42 -0.12 2.76
H3 O1J C . -15.46 -2.40 3.80
H4 O1J C . -14.39 -4.30 2.63
H5 O1J C . -13.25 -3.97 0.37
H7 O1J C . -10.67 -0.86 -1.31
H8 O1J C . -10.22 -2.19 -0.24
H9 O1J C . -12.67 -0.54 -1.12
H10 O1J C . -13.75 -1.72 -1.88
#